data_7PWW
#
_entry.id   7PWW
#
_cell.length_a   45.400
_cell.length_b   68.620
_cell.length_c   160.080
_cell.angle_alpha   90.000
_cell.angle_beta   90.000
_cell.angle_gamma   90.000
#
_symmetry.space_group_name_H-M   'P 21 21 21'
#
loop_
_entity.id
_entity.type
_entity.pdbx_description
1 polymer 'Protein mono-ADP-ribosyltransferase PARP15'
2 non-polymer 6-[(3-bromophenyl)methoxy]phthalazine-1,4-dione
3 water water
#
_entity_poly.entity_id   1
_entity_poly.type   'polypeptide(L)'
_entity_poly.pdbx_seq_one_letter_code
;MHHHHHHSSGVDLGTENLYFQSMNLPEHWTDMNHQLFCMVQLEPGQSEYNTIKDKFTRTCSSYAIEKIERIQNAFLWQSY
QVKKRQMDIKNDHKNNERLLFHGTDADSVPYVNQHGFNRSCAGKNAVSYGKGTYFAVDASYSAKDTYSKPDSNGRKHMYV
VRVLTGVFTKGRAGLVTPPPKNPHNPTDLFDSVTNNTRSPKLFVVFFDNQAYPEYLITFTA
;
_entity_poly.pdbx_strand_id   A,B
#
loop_
_chem_comp.id
_chem_comp.type
_chem_comp.name
_chem_comp.formula
8B5 non-polymer 6-[(3-bromophenyl)methoxy]phthalazine-1,4-dione 'C15 H9 Br N2 O3'
#
# COMPACT_ATOMS: atom_id res chain seq x y z
N ASN A 24 -15.39 12.66 4.63
CA ASN A 24 -15.26 13.15 6.05
C ASN A 24 -14.02 14.04 6.16
N LEU A 25 -13.95 15.10 5.33
CA LEU A 25 -12.75 15.96 5.14
C LEU A 25 -12.63 16.93 6.32
N PRO A 26 -11.44 17.04 6.97
CA PRO A 26 -11.32 17.72 8.26
C PRO A 26 -11.81 19.17 8.28
N GLU A 27 -12.21 19.66 9.46
CA GLU A 27 -12.78 21.00 9.72
C GLU A 27 -11.84 22.09 9.19
N HIS A 28 -10.57 22.03 9.61
CA HIS A 28 -9.52 23.07 9.38
C HIS A 28 -9.11 23.15 7.90
N TRP A 29 -9.47 22.15 7.09
CA TRP A 29 -9.30 22.24 5.61
C TRP A 29 -10.15 23.42 5.13
N THR A 30 -9.70 24.07 4.06
CA THR A 30 -10.43 25.17 3.40
C THR A 30 -11.03 24.59 2.10
N ASP A 31 -12.11 25.20 1.62
CA ASP A 31 -12.90 24.80 0.44
C ASP A 31 -11.97 24.54 -0.76
N MET A 32 -12.21 23.45 -1.50
CA MET A 32 -11.34 23.03 -2.64
C MET A 32 -12.09 23.20 -3.98
N ASN A 33 -13.24 23.89 -3.98
CA ASN A 33 -14.06 24.15 -5.20
C ASN A 33 -14.37 22.82 -5.88
N HIS A 34 -14.82 21.83 -5.10
CA HIS A 34 -15.21 20.46 -5.57
C HIS A 34 -14.01 19.71 -6.17
N GLN A 35 -12.76 20.11 -5.88
CA GLN A 35 -11.52 19.40 -6.30
C GLN A 35 -11.04 18.49 -5.16
N LEU A 36 -10.19 17.52 -5.49
CA LEU A 36 -9.76 16.43 -4.56
C LEU A 36 -8.32 16.62 -4.08
N PHE A 37 -7.58 17.56 -4.67
CA PHE A 37 -6.17 17.88 -4.29
C PHE A 37 -5.93 19.40 -4.31
N CYS A 38 -5.41 19.93 -3.20
CA CYS A 38 -4.96 21.34 -3.08
C CYS A 38 -3.80 21.43 -2.07
N MET A 39 -2.76 22.21 -2.39
CA MET A 39 -1.70 22.70 -1.46
C MET A 39 -2.09 24.12 -1.04
N VAL A 40 -2.30 24.37 0.26
CA VAL A 40 -2.78 25.69 0.76
C VAL A 40 -1.69 26.30 1.63
N GLN A 41 -1.13 27.44 1.20
CA GLN A 41 -0.13 28.21 1.96
C GLN A 41 -0.81 28.73 3.24
N LEU A 42 -0.22 28.43 4.41
CA LEU A 42 -0.72 28.91 5.72
C LEU A 42 -0.38 30.39 5.90
N GLU A 43 -1.29 31.15 6.51
CA GLU A 43 -1.03 32.54 6.94
C GLU A 43 -0.11 32.51 8.16
N PRO A 44 1.07 33.18 8.11
CA PRO A 44 1.89 33.38 9.31
C PRO A 44 1.11 34.09 10.42
N GLY A 45 1.35 33.70 11.67
CA GLY A 45 0.80 34.38 12.86
C GLY A 45 -0.51 33.81 13.33
N GLN A 46 -1.19 33.01 12.50
CA GLN A 46 -2.45 32.32 12.91
C GLN A 46 -2.09 30.97 13.54
N SER A 47 -3.03 30.37 14.28
CA SER A 47 -2.81 29.22 15.21
C SER A 47 -2.17 28.03 14.50
N GLU A 48 -2.69 27.65 13.33
CA GLU A 48 -2.26 26.44 12.60
C GLU A 48 -0.77 26.60 12.25
N TYR A 49 -0.41 27.72 11.61
CA TYR A 49 0.99 28.07 11.27
C TYR A 49 1.84 28.02 12.55
N ASN A 50 1.37 28.68 13.62
CA ASN A 50 2.16 28.83 14.87
C ASN A 50 2.43 27.45 15.47
N THR A 51 1.41 26.58 15.50
CA THR A 51 1.50 25.20 16.02
C THR A 51 2.59 24.45 15.24
N ILE A 52 2.54 24.50 13.90
CA ILE A 52 3.48 23.72 13.05
C ILE A 52 4.89 24.34 13.15
N LYS A 53 5.00 25.66 13.10
CA LYS A 53 6.29 26.40 13.29
C LYS A 53 6.96 25.95 14.59
N ASP A 54 6.23 25.93 15.71
CA ASP A 54 6.82 25.59 17.05
C ASP A 54 7.36 24.15 17.07
N LYS A 55 6.67 23.19 16.43
CA LYS A 55 7.11 21.76 16.38
C LYS A 55 8.47 21.70 15.68
N PHE A 56 8.62 22.43 14.58
CA PHE A 56 9.88 22.53 13.82
C PHE A 56 10.96 23.23 14.66
N THR A 57 10.64 24.41 15.23
CA THR A 57 11.62 25.32 15.88
C THR A 57 12.10 24.71 17.20
N ARG A 58 11.38 23.76 17.81
CA ARG A 58 11.86 22.99 18.99
C ARG A 58 13.29 22.49 18.77
N THR A 59 13.68 22.07 17.55
CA THR A 59 15.03 21.53 17.27
C THR A 59 15.70 22.22 16.08
N CYS A 60 15.00 23.08 15.33
CA CYS A 60 15.51 23.73 14.09
C CYS A 60 15.35 25.24 14.19
N SER A 61 15.58 25.84 15.37
CA SER A 61 15.42 27.30 15.59
C SER A 61 16.42 28.09 14.75
N SER A 62 17.51 27.47 14.28
CA SER A 62 18.59 28.17 13.52
C SER A 62 18.27 28.26 12.02
N TYR A 63 17.23 27.56 11.56
CA TYR A 63 16.80 27.54 10.13
C TYR A 63 15.82 28.71 9.88
N ALA A 64 15.62 29.09 8.62
CA ALA A 64 14.66 30.14 8.21
C ALA A 64 13.47 29.48 7.48
N ILE A 65 12.25 29.61 8.02
CA ILE A 65 11.00 29.17 7.35
C ILE A 65 10.61 30.20 6.28
N GLU A 66 10.55 29.76 5.03
CA GLU A 66 10.01 30.55 3.89
C GLU A 66 8.48 30.39 3.86
N LYS A 67 7.95 29.16 3.94
CA LYS A 67 6.48 28.95 3.97
C LYS A 67 6.12 27.59 4.54
N ILE A 68 4.88 27.46 5.01
CA ILE A 68 4.24 26.18 5.39
C ILE A 68 2.95 26.03 4.60
N GLU A 69 2.81 24.89 3.92
CA GLU A 69 1.62 24.52 3.11
C GLU A 69 0.89 23.35 3.79
N ARG A 70 -0.43 23.45 3.93
CA ARG A 70 -1.33 22.34 4.32
C ARG A 70 -1.61 21.50 3.08
N ILE A 71 -1.34 20.20 3.18
CA ILE A 71 -1.59 19.23 2.07
C ILE A 71 -3.02 18.71 2.21
N GLN A 72 -3.88 19.06 1.25
CA GLN A 72 -5.30 18.63 1.21
C GLN A 72 -5.45 17.62 0.07
N ASN A 73 -5.17 16.35 0.39
CA ASN A 73 -5.25 15.22 -0.57
C ASN A 73 -6.35 14.28 -0.08
N ALA A 74 -7.55 14.42 -0.65
CA ALA A 74 -8.76 13.72 -0.16
C ALA A 74 -8.59 12.21 -0.25
N PHE A 75 -7.95 11.70 -1.31
CA PHE A 75 -7.77 10.24 -1.56
C PHE A 75 -6.80 9.65 -0.52
N LEU A 76 -5.65 10.30 -0.32
CA LEU A 76 -4.64 9.88 0.68
C LEU A 76 -5.27 9.94 2.06
N TRP A 77 -6.02 11.00 2.35
CA TRP A 77 -6.67 11.19 3.67
C TRP A 77 -7.62 10.02 3.94
N GLN A 78 -8.46 9.70 2.96
CA GLN A 78 -9.52 8.66 3.10
C GLN A 78 -8.84 7.31 3.38
N SER A 79 -7.84 6.93 2.59
CA SER A 79 -7.13 5.62 2.73
C SER A 79 -6.41 5.57 4.08
N TYR A 80 -5.81 6.68 4.50
CA TYR A 80 -5.15 6.79 5.82
C TYR A 80 -6.17 6.62 6.96
N GLN A 81 -7.33 7.29 6.90
CA GLN A 81 -8.33 7.27 8.00
C GLN A 81 -8.92 5.86 8.13
N VAL A 82 -9.07 5.16 7.00
CA VAL A 82 -9.55 3.75 7.00
C VAL A 82 -8.54 2.89 7.77
N LYS A 83 -7.26 3.02 7.45
N LYS A 83 -7.25 3.01 7.46
CA LYS A 83 -6.18 2.27 8.17
CA LYS A 83 -6.19 2.24 8.18
C LYS A 83 -6.21 2.65 9.66
C LYS A 83 -6.18 2.66 9.66
N LYS A 84 -6.35 3.94 9.97
CA LYS A 84 -6.39 4.42 11.37
C LYS A 84 -7.54 3.70 12.10
N ARG A 85 -8.75 3.72 11.54
CA ARG A 85 -9.95 3.06 12.13
C ARG A 85 -9.68 1.56 12.34
N GLN A 86 -9.06 0.90 11.37
CA GLN A 86 -8.70 -0.53 11.44
C GLN A 86 -7.73 -0.76 12.60
N MET A 87 -6.67 0.06 12.71
CA MET A 87 -5.62 -0.11 13.74
C MET A 87 -6.20 0.18 15.14
N ASP A 88 -7.12 1.15 15.26
CA ASP A 88 -7.82 1.47 16.54
C ASP A 88 -8.65 0.25 16.98
N ILE A 89 -9.34 -0.44 16.07
CA ILE A 89 -10.08 -1.70 16.37
C ILE A 89 -9.08 -2.80 16.78
N LYS A 90 -8.05 -3.04 15.97
CA LYS A 90 -7.11 -4.16 16.14
C LYS A 90 -6.38 -4.04 17.48
N ASN A 91 -5.97 -2.83 17.86
CA ASN A 91 -5.16 -2.58 19.07
C ASN A 91 -6.08 -2.32 20.28
N ASP A 92 -7.40 -2.19 20.06
CA ASP A 92 -8.43 -2.08 21.12
C ASP A 92 -8.14 -0.85 22.01
N HIS A 93 -7.76 0.26 21.38
CA HIS A 93 -7.52 1.60 21.98
C HIS A 93 -7.09 2.54 20.86
N LYS A 94 -7.08 3.85 21.13
CA LYS A 94 -6.52 4.89 20.24
C LYS A 94 -5.01 4.99 20.52
N ASN A 95 -4.41 6.17 20.39
CA ASN A 95 -2.95 6.39 20.62
C ASN A 95 -2.10 5.61 19.61
N ASN A 96 -2.60 5.37 18.39
CA ASN A 96 -1.81 4.65 17.34
C ASN A 96 -1.07 5.67 16.46
N GLU A 97 -1.33 6.96 16.65
CA GLU A 97 -0.88 8.07 15.75
C GLU A 97 0.19 8.91 16.45
N ARG A 98 1.21 9.33 15.69
CA ARG A 98 2.29 10.27 16.10
C ARG A 98 2.49 11.27 14.96
N LEU A 99 2.96 12.48 15.30
CA LEU A 99 3.34 13.52 14.32
C LEU A 99 4.85 13.48 14.17
N LEU A 100 5.33 13.15 12.97
CA LEU A 100 6.78 12.92 12.72
C LEU A 100 7.20 13.73 11.50
N PHE A 101 8.49 13.77 11.24
CA PHE A 101 9.12 14.60 10.20
C PHE A 101 9.71 13.69 9.13
N HIS A 102 9.67 14.15 7.88
CA HIS A 102 10.32 13.46 6.74
C HIS A 102 10.93 14.51 5.82
N GLY A 103 12.25 14.53 5.73
CA GLY A 103 12.98 15.38 4.76
C GLY A 103 12.96 14.72 3.41
N THR A 104 12.84 15.48 2.33
CA THR A 104 12.99 14.91 0.97
C THR A 104 13.57 15.97 0.02
N ASP A 105 14.12 15.50 -1.10
CA ASP A 105 14.62 16.35 -2.22
C ASP A 105 13.44 16.99 -2.93
N ALA A 106 13.67 18.12 -3.59
CA ALA A 106 12.67 18.91 -4.34
C ALA A 106 11.93 18.03 -5.36
N ASP A 107 12.64 17.13 -6.04
CA ASP A 107 12.08 16.34 -7.18
C ASP A 107 11.04 15.31 -6.69
N SER A 108 11.07 14.92 -5.41
CA SER A 108 10.14 13.95 -4.80
C SER A 108 8.88 14.64 -4.23
N VAL A 109 8.88 15.96 -4.10
CA VAL A 109 7.79 16.71 -3.42
C VAL A 109 6.47 16.51 -4.16
N PRO A 110 6.39 16.71 -5.50
CA PRO A 110 5.12 16.52 -6.22
C PRO A 110 4.56 15.09 -6.05
N TYR A 111 5.42 14.07 -6.15
CA TYR A 111 5.01 12.66 -5.95
C TYR A 111 4.39 12.49 -4.54
N VAL A 112 5.09 12.91 -3.49
CA VAL A 112 4.63 12.73 -2.08
C VAL A 112 3.30 13.47 -1.89
N ASN A 113 3.20 14.70 -2.37
CA ASN A 113 1.96 15.51 -2.22
C ASN A 113 0.76 14.73 -2.78
N GLN A 114 0.96 14.01 -3.88
CA GLN A 114 -0.12 13.35 -4.66
C GLN A 114 -0.31 11.90 -4.18
N HIS A 115 0.77 11.15 -3.94
CA HIS A 115 0.73 9.68 -3.71
C HIS A 115 1.24 9.30 -2.32
N GLY A 116 1.74 10.25 -1.53
CA GLY A 116 2.29 9.99 -0.20
C GLY A 116 3.61 9.23 -0.27
N PHE A 117 3.86 8.32 0.67
CA PHE A 117 5.20 7.72 0.92
C PHE A 117 5.21 6.29 0.37
N ASN A 118 6.27 5.97 -0.35
CA ASN A 118 6.41 4.72 -1.13
C ASN A 118 7.73 4.06 -0.74
N ARG A 119 7.67 2.90 -0.08
CA ARG A 119 8.88 2.17 0.40
C ARG A 119 9.75 1.73 -0.79
N SER A 120 9.19 1.63 -1.99
CA SER A 120 9.88 1.18 -3.23
C SER A 120 10.81 2.28 -3.81
N CYS A 121 10.77 3.51 -3.26
CA CYS A 121 11.46 4.72 -3.83
C CYS A 121 12.74 5.05 -3.06
N ASN A 125 19.93 6.31 0.81
CA ASN A 125 19.98 6.56 2.28
C ASN A 125 19.90 5.21 3.02
N ALA A 126 20.32 5.19 4.28
CA ALA A 126 20.45 3.98 5.14
C ALA A 126 19.06 3.42 5.46
N VAL A 127 18.94 2.09 5.49
CA VAL A 127 17.69 1.31 5.74
C VAL A 127 18.00 0.22 6.78
N SER A 128 18.82 0.56 7.79
CA SER A 128 19.37 -0.35 8.83
C SER A 128 18.25 -0.98 9.65
N TYR A 129 17.07 -0.37 9.75
CA TYR A 129 15.97 -0.86 10.63
C TYR A 129 14.84 -1.44 9.78
N GLY A 130 15.06 -1.57 8.46
CA GLY A 130 14.15 -2.28 7.54
C GLY A 130 13.85 -1.49 6.28
N LYS A 131 13.31 -2.16 5.26
CA LYS A 131 13.00 -1.55 3.93
C LYS A 131 11.59 -0.97 3.96
N GLY A 132 11.44 0.14 4.68
CA GLY A 132 10.18 0.90 4.81
C GLY A 132 10.43 2.38 4.58
N THR A 133 9.47 3.22 4.91
CA THR A 133 9.63 4.69 4.88
C THR A 133 10.05 5.13 6.28
N TYR A 134 11.03 6.02 6.37
CA TYR A 134 11.65 6.49 7.64
C TYR A 134 11.02 7.83 8.01
N PHE A 135 10.71 8.00 9.30
CA PHE A 135 10.16 9.25 9.90
C PHE A 135 10.93 9.55 11.19
N ALA A 136 11.32 10.80 11.39
CA ALA A 136 12.14 11.26 12.54
C ALA A 136 11.24 11.86 13.61
N VAL A 137 11.56 11.65 14.89
CA VAL A 137 10.87 12.34 16.02
C VAL A 137 11.24 13.83 15.99
N ASP A 138 12.49 14.15 15.66
CA ASP A 138 13.02 15.55 15.69
C ASP A 138 13.22 16.08 14.27
N ALA A 139 12.74 17.29 14.02
CA ALA A 139 12.92 18.01 12.74
C ALA A 139 14.42 18.12 12.40
N SER A 140 15.28 18.26 13.41
CA SER A 140 16.74 18.42 13.23
C SER A 140 17.34 17.21 12.50
N TYR A 141 16.81 15.99 12.73
CA TYR A 141 17.29 14.78 12.02
C TYR A 141 16.91 14.88 10.53
N SER A 142 15.64 15.19 10.23
CA SER A 142 15.10 15.36 8.85
C SER A 142 15.77 16.54 8.13
N ALA A 143 16.27 17.55 8.87
CA ALA A 143 16.89 18.78 8.33
C ALA A 143 18.31 18.54 7.77
N LYS A 144 18.94 17.41 8.07
CA LYS A 144 20.23 17.01 7.45
C LYS A 144 20.09 17.01 5.93
N ASP A 145 21.12 17.47 5.23
CA ASP A 145 21.18 17.65 3.75
C ASP A 145 20.99 16.29 3.05
N THR A 146 21.38 15.19 3.68
CA THR A 146 21.22 13.82 3.13
C THR A 146 19.73 13.51 2.93
N TYR A 147 18.82 14.05 3.75
CA TYR A 147 17.34 13.82 3.67
C TYR A 147 16.65 15.01 3.00
N SER A 148 16.72 16.23 3.56
CA SER A 148 16.15 17.46 2.98
C SER A 148 17.23 18.17 2.16
N LYS A 149 17.56 17.58 1.00
CA LYS A 149 18.64 18.01 0.08
C LYS A 149 18.31 19.41 -0.47
N PRO A 150 19.20 20.42 -0.29
CA PRO A 150 18.92 21.76 -0.77
C PRO A 150 18.83 21.76 -2.31
N ASP A 151 17.87 22.49 -2.88
CA ASP A 151 17.73 22.62 -4.36
C ASP A 151 18.71 23.70 -4.85
N SER A 152 18.68 24.01 -6.14
CA SER A 152 19.60 25.00 -6.79
C SER A 152 19.68 26.28 -5.96
N ASN A 153 18.54 26.73 -5.41
CA ASN A 153 18.38 28.04 -4.71
C ASN A 153 18.63 27.92 -3.19
N GLY A 154 18.97 26.74 -2.67
CA GLY A 154 19.28 26.50 -1.25
C GLY A 154 18.03 26.17 -0.42
N ARG A 155 16.87 26.02 -1.06
CA ARG A 155 15.59 25.70 -0.37
C ARG A 155 15.57 24.22 0.01
N LYS A 156 15.24 23.93 1.27
CA LYS A 156 15.11 22.56 1.81
C LYS A 156 13.62 22.29 2.06
N HIS A 157 13.21 21.02 2.04
CA HIS A 157 11.78 20.60 2.12
C HIS A 157 11.63 19.48 3.14
N MET A 158 10.71 19.67 4.08
CA MET A 158 10.41 18.70 5.14
C MET A 158 8.89 18.59 5.30
N TYR A 159 8.37 17.37 5.39
CA TYR A 159 6.94 17.11 5.66
C TYR A 159 6.74 16.92 7.17
N VAL A 160 5.63 17.43 7.68
CA VAL A 160 5.06 17.03 8.99
C VAL A 160 4.01 15.98 8.65
N VAL A 161 4.14 14.79 9.25
CA VAL A 161 3.44 13.55 8.81
C VAL A 161 2.65 12.97 9.98
N ARG A 162 1.38 12.66 9.75
CA ARG A 162 0.61 11.79 10.66
C ARG A 162 1.02 10.35 10.36
N VAL A 163 1.61 9.65 11.33
CA VAL A 163 2.10 8.25 11.12
C VAL A 163 1.38 7.34 12.12
N LEU A 164 0.82 6.24 11.61
CA LEU A 164 0.19 5.17 12.42
C LEU A 164 1.31 4.23 12.91
N THR A 165 2.02 4.66 13.96
CA THR A 165 3.13 3.89 14.58
C THR A 165 2.56 2.71 15.38
N GLY A 166 1.36 2.85 15.92
CA GLY A 166 0.68 1.79 16.69
C GLY A 166 1.60 1.17 17.72
N VAL A 167 1.60 -0.16 17.80
CA VAL A 167 2.47 -0.96 18.70
C VAL A 167 3.76 -1.24 17.92
N PHE A 168 4.91 -0.86 18.46
CA PHE A 168 6.21 -0.91 17.74
C PHE A 168 7.18 -1.79 18.53
N THR A 169 8.21 -2.27 17.83
CA THR A 169 9.35 -3.03 18.40
C THR A 169 10.60 -2.51 17.71
N LYS A 170 11.77 -2.94 18.18
CA LYS A 170 13.09 -2.60 17.57
C LYS A 170 13.16 -3.23 16.17
N GLY A 171 13.57 -2.45 15.18
CA GLY A 171 13.80 -2.93 13.81
C GLY A 171 15.19 -3.51 13.66
N ARG A 172 15.46 -4.07 12.50
CA ARG A 172 16.79 -4.60 12.11
CA ARG A 172 16.79 -4.63 12.11
C ARG A 172 16.86 -4.62 10.57
N ALA A 173 18.06 -4.77 10.02
CA ALA A 173 18.32 -4.70 8.57
C ALA A 173 17.58 -5.84 7.86
N GLY A 174 16.96 -5.54 6.70
CA GLY A 174 16.40 -6.54 5.79
C GLY A 174 14.92 -6.81 6.02
N LEU A 175 14.29 -6.29 7.08
CA LEU A 175 12.83 -6.47 7.28
C LEU A 175 12.09 -5.89 6.07
N VAL A 176 11.08 -6.60 5.56
CA VAL A 176 10.15 -6.07 4.50
C VAL A 176 8.79 -5.76 5.12
N THR A 177 8.50 -6.29 6.30
CA THR A 177 7.30 -5.97 7.13
C THR A 177 7.76 -5.89 8.58
N PRO A 178 6.97 -5.32 9.52
CA PRO A 178 7.36 -5.39 10.92
C PRO A 178 7.35 -6.87 11.33
N PRO A 179 8.10 -7.24 12.40
CA PRO A 179 8.06 -8.59 12.92
C PRO A 179 6.71 -8.99 13.54
N PRO A 180 6.44 -10.30 13.72
CA PRO A 180 5.28 -10.74 14.51
C PRO A 180 5.36 -10.39 16.00
N LYS A 181 4.23 -10.05 16.61
CA LYS A 181 4.12 -9.81 18.08
C LYS A 181 4.49 -11.10 18.82
N ASN A 182 4.00 -12.25 18.35
CA ASN A 182 4.32 -13.60 18.89
C ASN A 182 4.63 -14.54 17.72
N PRO A 183 5.83 -15.18 17.69
CA PRO A 183 6.18 -16.10 16.60
C PRO A 183 5.32 -17.38 16.52
N HIS A 184 4.37 -17.56 17.44
CA HIS A 184 3.35 -18.66 17.42
C HIS A 184 2.13 -18.24 16.60
N ASN A 185 1.96 -16.93 16.31
CA ASN A 185 1.02 -16.38 15.31
C ASN A 185 1.81 -15.47 14.36
N PRO A 186 2.53 -16.03 13.37
CA PRO A 186 3.44 -15.25 12.53
C PRO A 186 2.80 -14.11 11.72
N THR A 187 1.46 -14.07 11.59
CA THR A 187 0.73 -13.08 10.75
C THR A 187 0.24 -11.87 11.57
N ASP A 188 0.20 -11.97 12.90
CA ASP A 188 -0.19 -10.85 13.79
C ASP A 188 1.04 -9.96 14.04
N LEU A 189 1.13 -8.81 13.37
CA LEU A 189 2.39 -8.02 13.27
C LEU A 189 2.36 -6.79 14.19
N PHE A 190 3.52 -6.36 14.68
CA PHE A 190 3.75 -4.97 15.15
C PHE A 190 3.33 -4.03 14.01
N ASP A 191 2.94 -2.79 14.33
CA ASP A 191 2.46 -1.80 13.33
C ASP A 191 3.65 -1.09 12.68
N SER A 192 4.75 -0.98 13.41
CA SER A 192 5.96 -0.23 12.96
C SER A 192 7.17 -0.72 13.75
N VAL A 193 8.38 -0.35 13.30
CA VAL A 193 9.64 -0.62 14.05
C VAL A 193 10.33 0.72 14.35
N THR A 194 11.26 0.69 15.30
CA THR A 194 12.01 1.89 15.74
C THR A 194 13.48 1.52 15.97
N ASN A 195 14.35 2.53 16.09
CA ASN A 195 15.77 2.34 16.48
C ASN A 195 15.88 1.95 17.95
N ASN A 196 14.91 2.35 18.79
CA ASN A 196 15.00 2.25 20.26
C ASN A 196 13.60 2.36 20.85
N THR A 197 13.10 1.32 21.53
CA THR A 197 11.69 1.21 21.99
C THR A 197 11.44 2.11 23.21
N ARG A 198 12.42 2.24 24.10
CA ARG A 198 12.30 3.06 25.34
C ARG A 198 12.34 4.55 24.97
N SER A 199 13.17 4.93 24.00
CA SER A 199 13.43 6.34 23.64
C SER A 199 13.61 6.48 22.12
N PRO A 200 12.51 6.32 21.35
CA PRO A 200 12.61 6.27 19.89
C PRO A 200 12.95 7.64 19.27
N LYS A 201 13.76 7.64 18.22
CA LYS A 201 14.07 8.86 17.46
C LYS A 201 13.71 8.68 15.98
N LEU A 202 13.41 7.45 15.57
CA LEU A 202 12.87 7.21 14.21
C LEU A 202 11.91 6.02 14.21
N PHE A 203 10.97 6.06 13.28
CA PHE A 203 9.96 5.00 13.02
C PHE A 203 10.00 4.65 11.54
N VAL A 204 9.82 3.37 11.27
CA VAL A 204 9.74 2.85 9.89
C VAL A 204 8.37 2.19 9.76
N VAL A 205 7.62 2.55 8.73
CA VAL A 205 6.36 1.84 8.36
C VAL A 205 6.55 1.21 6.99
N PHE A 206 5.86 0.09 6.76
CA PHE A 206 6.13 -0.82 5.63
C PHE A 206 4.91 -0.92 4.70
N PHE A 207 3.87 -0.09 4.91
CA PHE A 207 2.62 -0.15 4.11
C PHE A 207 2.19 1.25 3.68
N ASP A 208 1.62 1.31 2.48
CA ASP A 208 1.06 2.54 1.89
C ASP A 208 -0.07 2.96 2.83
N ASN A 209 -0.27 4.26 3.00
CA ASN A 209 -1.46 4.77 3.72
C ASN A 209 -1.36 4.48 5.23
N GLN A 210 -0.16 4.23 5.77
CA GLN A 210 0.14 4.30 7.22
C GLN A 210 0.69 5.70 7.57
N ALA A 211 0.87 6.58 6.58
CA ALA A 211 1.45 7.93 6.75
C ALA A 211 0.70 8.92 5.87
N TYR A 212 0.16 9.99 6.46
CA TYR A 212 -0.47 11.10 5.71
C TYR A 212 0.44 12.32 5.80
N PRO A 213 0.96 12.82 4.66
CA PRO A 213 1.76 14.03 4.66
C PRO A 213 0.79 15.21 4.90
N GLU A 214 0.89 15.89 6.04
CA GLU A 214 -0.13 16.89 6.46
C GLU A 214 0.35 18.32 6.14
N TYR A 215 1.63 18.63 6.35
CA TYR A 215 2.22 19.96 6.08
C TYR A 215 3.56 19.79 5.36
N LEU A 216 3.87 20.71 4.47
CA LEU A 216 5.20 20.82 3.83
C LEU A 216 5.83 22.14 4.27
N ILE A 217 7.00 22.05 4.91
CA ILE A 217 7.83 23.21 5.34
C ILE A 217 8.94 23.39 4.30
N THR A 218 8.98 24.58 3.69
CA THR A 218 10.10 25.06 2.84
C THR A 218 10.94 26.02 3.70
N PHE A 219 12.23 25.74 3.83
CA PHE A 219 13.14 26.44 4.78
C PHE A 219 14.56 26.46 4.21
N THR A 220 15.45 27.21 4.87
CA THR A 220 16.89 27.34 4.50
C THR A 220 17.73 27.32 5.76
N ALA A 221 19.02 27.06 5.60
CA ALA A 221 20.02 26.94 6.69
C ALA A 221 20.48 28.34 7.12
N ASN B 24 -19.49 -2.06 5.27
CA ASN B 24 -19.96 -2.22 3.85
C ASN B 24 -19.62 -3.64 3.36
N LEU B 25 -19.68 -4.65 4.24
CA LEU B 25 -19.34 -6.06 3.89
C LEU B 25 -20.45 -6.63 3.00
N PRO B 26 -20.11 -7.39 1.93
CA PRO B 26 -21.14 -7.92 1.01
C PRO B 26 -22.14 -8.85 1.72
N GLU B 27 -23.43 -8.77 1.36
CA GLU B 27 -24.54 -9.41 2.10
C GLU B 27 -24.55 -10.94 1.92
N HIS B 28 -23.87 -11.46 0.90
CA HIS B 28 -23.78 -12.92 0.64
C HIS B 28 -22.65 -13.58 1.45
N TRP B 29 -21.81 -12.81 2.15
CA TRP B 29 -20.75 -13.39 3.01
C TRP B 29 -21.42 -14.12 4.19
N THR B 30 -20.80 -15.17 4.70
CA THR B 30 -21.23 -15.79 5.98
C THR B 30 -21.04 -14.77 7.11
N ASP B 31 -21.97 -14.75 8.06
CA ASP B 31 -21.87 -14.05 9.36
C ASP B 31 -20.53 -14.47 9.99
N MET B 32 -19.71 -13.51 10.42
CA MET B 32 -18.37 -13.81 10.99
C MET B 32 -18.34 -13.63 12.51
N ASN B 33 -19.44 -13.18 13.13
CA ASN B 33 -19.59 -13.04 14.61
C ASN B 33 -18.61 -11.99 15.14
N HIS B 34 -18.64 -10.80 14.55
CA HIS B 34 -17.79 -9.64 14.95
C HIS B 34 -16.29 -9.96 14.72
N GLN B 35 -15.98 -11.10 14.09
CA GLN B 35 -14.59 -11.49 13.69
C GLN B 35 -14.29 -10.86 12.32
N LEU B 36 -12.99 -10.68 12.02
CA LEU B 36 -12.48 -9.84 10.90
C LEU B 36 -12.02 -10.72 9.73
N PHE B 37 -11.86 -12.03 9.94
CA PHE B 37 -11.33 -12.95 8.92
C PHE B 37 -12.01 -14.31 9.00
N CYS B 38 -12.31 -14.90 7.84
CA CYS B 38 -12.89 -16.26 7.70
C CYS B 38 -12.61 -16.77 6.28
N MET B 39 -12.22 -18.04 6.15
CA MET B 39 -12.18 -18.79 4.87
C MET B 39 -13.44 -19.65 4.81
N VAL B 40 -14.22 -19.55 3.73
CA VAL B 40 -15.50 -20.29 3.57
C VAL B 40 -15.35 -21.29 2.41
N GLN B 41 -15.47 -22.57 2.76
CA GLN B 41 -15.42 -23.71 1.81
C GLN B 41 -16.68 -23.70 0.96
N LEU B 42 -16.52 -23.67 -0.36
CA LEU B 42 -17.66 -23.62 -1.32
C LEU B 42 -18.07 -25.05 -1.68
N GLU B 43 -19.31 -25.20 -2.13
CA GLU B 43 -19.94 -26.50 -2.52
C GLU B 43 -20.01 -26.57 -4.04
N PRO B 44 -19.47 -27.63 -4.68
CA PRO B 44 -19.71 -27.89 -6.09
C PRO B 44 -21.23 -27.94 -6.35
N GLY B 45 -21.69 -27.52 -7.52
CA GLY B 45 -23.13 -27.39 -7.84
C GLY B 45 -23.63 -25.97 -7.58
N GLN B 46 -23.03 -25.23 -6.66
CA GLN B 46 -23.35 -23.80 -6.48
C GLN B 46 -22.68 -23.01 -7.61
N SER B 47 -23.40 -22.02 -8.16
CA SER B 47 -22.93 -21.14 -9.26
C SER B 47 -21.58 -20.53 -8.86
N GLU B 48 -21.38 -20.17 -7.59
CA GLU B 48 -20.16 -19.48 -7.14
C GLU B 48 -18.95 -20.41 -7.37
N TYR B 49 -19.03 -21.67 -6.94
CA TYR B 49 -17.98 -22.71 -7.12
C TYR B 49 -17.78 -22.97 -8.61
N ASN B 50 -18.88 -23.18 -9.34
CA ASN B 50 -18.84 -23.67 -10.75
C ASN B 50 -18.19 -22.62 -11.65
N THR B 51 -18.47 -21.33 -11.46
CA THR B 51 -17.91 -20.27 -12.35
CA THR B 51 -17.92 -20.25 -12.32
C THR B 51 -16.39 -20.18 -12.14
N ILE B 52 -15.92 -20.33 -10.90
CA ILE B 52 -14.45 -20.34 -10.61
C ILE B 52 -13.83 -21.62 -11.20
N LYS B 53 -14.46 -22.77 -11.02
CA LYS B 53 -14.00 -24.05 -11.63
C LYS B 53 -13.89 -23.86 -13.15
N ASP B 54 -14.93 -23.35 -13.80
CA ASP B 54 -14.93 -23.14 -15.28
C ASP B 54 -13.80 -22.16 -15.66
N LYS B 55 -13.61 -21.09 -14.90
CA LYS B 55 -12.61 -20.05 -15.23
C LYS B 55 -11.21 -20.69 -15.19
N PHE B 56 -11.00 -21.57 -14.22
CA PHE B 56 -9.75 -22.35 -14.02
C PHE B 56 -9.59 -23.38 -15.14
N THR B 57 -10.59 -24.25 -15.35
CA THR B 57 -10.50 -25.40 -16.29
C THR B 57 -10.44 -24.92 -17.74
N ARG B 58 -10.81 -23.66 -18.03
CA ARG B 58 -10.67 -23.08 -19.40
C ARG B 58 -9.25 -23.33 -19.93
N THR B 59 -8.23 -23.26 -19.06
CA THR B 59 -6.79 -23.38 -19.44
C THR B 59 -6.05 -24.41 -18.59
N CYS B 60 -6.66 -24.99 -17.54
CA CYS B 60 -6.04 -26.00 -16.63
C CYS B 60 -6.89 -27.28 -16.54
N SER B 61 -7.30 -27.84 -17.67
CA SER B 61 -8.14 -29.06 -17.76
C SER B 61 -7.37 -30.29 -17.25
N SER B 62 -6.04 -30.29 -17.30
CA SER B 62 -5.19 -31.44 -16.88
C SER B 62 -5.13 -31.56 -15.35
N TYR B 63 -5.28 -30.47 -14.59
CA TYR B 63 -5.26 -30.46 -13.11
C TYR B 63 -6.66 -30.77 -12.58
N ALA B 64 -6.78 -31.04 -11.28
CA ALA B 64 -8.08 -31.28 -10.62
C ALA B 64 -8.14 -30.47 -9.33
N ILE B 65 -9.30 -29.88 -9.07
CA ILE B 65 -9.51 -28.98 -7.90
C ILE B 65 -9.83 -29.85 -6.68
N GLU B 66 -9.06 -29.67 -5.61
CA GLU B 66 -9.37 -30.26 -4.28
C GLU B 66 -10.52 -29.46 -3.66
N LYS B 67 -10.38 -28.14 -3.57
CA LYS B 67 -11.42 -27.27 -2.96
C LYS B 67 -11.22 -25.81 -3.37
N ILE B 68 -12.26 -25.03 -3.16
CA ILE B 68 -12.29 -23.56 -3.40
C ILE B 68 -12.83 -22.92 -2.12
N GLU B 69 -12.07 -21.98 -1.56
CA GLU B 69 -12.46 -21.23 -0.35
C GLU B 69 -12.68 -19.76 -0.73
N ARG B 70 -13.81 -19.18 -0.32
CA ARG B 70 -14.05 -17.72 -0.38
C ARG B 70 -13.29 -17.06 0.77
N ILE B 71 -12.47 -16.06 0.46
CA ILE B 71 -11.69 -15.29 1.47
C ILE B 71 -12.55 -14.10 1.91
N GLN B 72 -12.92 -14.08 3.19
CA GLN B 72 -13.68 -12.99 3.83
C GLN B 72 -12.72 -12.28 4.79
N ASN B 73 -12.06 -11.23 4.30
CA ASN B 73 -11.09 -10.41 5.06
C ASN B 73 -11.63 -8.98 5.07
N ALA B 74 -12.29 -8.59 6.16
CA ALA B 74 -13.05 -7.31 6.28
C ALA B 74 -12.14 -6.12 6.00
N PHE B 75 -10.96 -6.08 6.61
CA PHE B 75 -9.97 -4.97 6.51
C PHE B 75 -9.43 -4.88 5.08
N LEU B 76 -8.99 -5.99 4.48
CA LEU B 76 -8.48 -5.98 3.09
C LEU B 76 -9.61 -5.50 2.17
N TRP B 77 -10.85 -5.95 2.43
CA TRP B 77 -12.01 -5.60 1.57
C TRP B 77 -12.24 -4.09 1.63
N GLN B 78 -12.28 -3.52 2.84
CA GLN B 78 -12.55 -2.08 3.07
C GLN B 78 -11.54 -1.23 2.29
N SER B 79 -10.26 -1.50 2.47
CA SER B 79 -9.14 -0.75 1.85
C SER B 79 -9.22 -0.88 0.34
N TYR B 80 -9.43 -2.10 -0.17
CA TYR B 80 -9.54 -2.36 -1.63
C TYR B 80 -10.74 -1.57 -2.18
N GLN B 81 -11.89 -1.63 -1.53
CA GLN B 81 -13.12 -0.95 -2.03
C GLN B 81 -12.92 0.57 -2.03
N VAL B 82 -12.16 1.12 -1.08
CA VAL B 82 -11.82 2.57 -1.07
C VAL B 82 -10.96 2.89 -2.30
N LYS B 83 -9.95 2.07 -2.63
CA LYS B 83 -9.12 2.30 -3.84
C LYS B 83 -9.99 2.16 -5.10
N LYS B 84 -10.93 1.21 -5.13
CA LYS B 84 -11.79 0.99 -6.33
C LYS B 84 -12.62 2.24 -6.58
N ARG B 85 -13.24 2.79 -5.54
CA ARG B 85 -14.14 3.98 -5.64
C ARG B 85 -13.30 5.19 -6.08
N GLN B 86 -12.09 5.34 -5.55
CA GLN B 86 -11.16 6.44 -5.96
C GLN B 86 -10.83 6.30 -7.46
N MET B 87 -10.51 5.09 -7.92
CA MET B 87 -10.12 4.87 -9.33
C MET B 87 -11.36 5.03 -10.23
N ASP B 88 -12.53 4.55 -9.80
CA ASP B 88 -13.81 4.76 -10.55
C ASP B 88 -14.07 6.28 -10.70
N ILE B 89 -13.84 7.09 -9.65
CA ILE B 89 -13.99 8.58 -9.71
C ILE B 89 -12.93 9.11 -10.69
N LYS B 90 -11.66 8.74 -10.53
CA LYS B 90 -10.53 9.37 -11.25
C LYS B 90 -10.62 9.06 -12.76
N ASN B 91 -11.06 7.86 -13.14
CA ASN B 91 -10.95 7.37 -14.54
C ASN B 91 -12.23 7.64 -15.34
N ASP B 92 -13.39 7.75 -14.68
CA ASP B 92 -14.68 8.11 -15.36
C ASP B 92 -15.07 7.04 -16.39
N HIS B 93 -15.90 6.08 -15.97
CA HIS B 93 -16.66 5.11 -16.81
C HIS B 93 -15.74 4.03 -17.40
N LYS B 94 -14.53 3.86 -16.85
CA LYS B 94 -13.66 2.72 -17.20
C LYS B 94 -14.13 1.49 -16.40
N ASN B 95 -14.09 0.31 -17.01
CA ASN B 95 -14.11 -0.98 -16.29
C ASN B 95 -12.72 -1.10 -15.65
N ASN B 96 -12.57 -0.78 -14.35
CA ASN B 96 -11.22 -0.67 -13.73
C ASN B 96 -10.78 -2.00 -13.12
N GLU B 97 -11.69 -2.97 -13.04
CA GLU B 97 -11.46 -4.20 -12.23
C GLU B 97 -11.52 -5.43 -13.14
N ARG B 98 -10.54 -6.31 -12.98
CA ARG B 98 -10.43 -7.59 -13.70
C ARG B 98 -10.30 -8.67 -12.64
N LEU B 99 -10.78 -9.88 -12.96
CA LEU B 99 -10.63 -11.08 -12.12
C LEU B 99 -9.46 -11.89 -12.68
N LEU B 100 -8.37 -11.98 -11.93
CA LEU B 100 -7.08 -12.55 -12.41
C LEU B 100 -6.63 -13.64 -11.45
N PHE B 101 -5.57 -14.36 -11.82
CA PHE B 101 -4.99 -15.48 -11.04
C PHE B 101 -3.62 -15.12 -10.49
N HIS B 102 -3.29 -15.67 -9.33
CA HIS B 102 -1.96 -15.54 -8.70
C HIS B 102 -1.60 -16.86 -8.02
N GLY B 103 -0.63 -17.59 -8.58
CA GLY B 103 -0.10 -18.82 -7.97
C GLY B 103 0.86 -18.47 -6.87
N THR B 104 0.87 -19.22 -5.77
CA THR B 104 1.87 -18.99 -4.71
C THR B 104 2.20 -20.29 -3.99
N ASP B 105 3.26 -20.25 -3.18
CA ASP B 105 3.73 -21.38 -2.35
C ASP B 105 2.87 -21.44 -1.09
N ALA B 106 2.81 -22.62 -0.47
CA ALA B 106 2.03 -22.90 0.76
C ALA B 106 2.47 -21.95 1.87
N ASP B 107 3.77 -21.65 1.95
CA ASP B 107 4.37 -20.85 3.05
C ASP B 107 3.78 -19.43 3.04
N SER B 108 3.41 -18.91 1.86
CA SER B 108 2.92 -17.52 1.67
C SER B 108 1.41 -17.41 1.94
N VAL B 109 0.67 -18.53 1.94
CA VAL B 109 -0.82 -18.53 1.94
C VAL B 109 -1.36 -17.85 3.21
N PRO B 110 -0.90 -18.18 4.44
CA PRO B 110 -1.39 -17.47 5.64
C PRO B 110 -1.21 -15.93 5.56
N TYR B 111 -0.07 -15.42 5.07
CA TYR B 111 0.23 -13.96 4.97
C TYR B 111 -0.73 -13.31 3.97
N VAL B 112 -0.89 -13.90 2.78
CA VAL B 112 -1.78 -13.34 1.71
C VAL B 112 -3.23 -13.32 2.19
N ASN B 113 -3.69 -14.39 2.87
CA ASN B 113 -5.08 -14.47 3.38
C ASN B 113 -5.36 -13.28 4.33
N GLN B 114 -4.37 -12.94 5.17
CA GLN B 114 -4.49 -11.89 6.22
C GLN B 114 -4.13 -10.51 5.66
N HIS B 115 -3.07 -10.40 4.85
CA HIS B 115 -2.42 -9.09 4.54
C HIS B 115 -2.46 -8.79 3.05
N GLY B 116 -2.90 -9.73 2.22
CA GLY B 116 -2.95 -9.54 0.76
C GLY B 116 -1.56 -9.62 0.13
N PHE B 117 -1.36 -8.89 -0.97
CA PHE B 117 -0.20 -9.04 -1.88
C PHE B 117 0.77 -7.89 -1.65
N ASN B 118 1.98 -8.24 -1.20
CA ASN B 118 3.05 -7.28 -0.82
C ASN B 118 4.11 -7.32 -1.90
N ARG B 119 4.24 -6.24 -2.68
CA ARG B 119 5.22 -6.13 -3.79
C ARG B 119 6.64 -6.41 -3.28
N SER B 120 6.94 -6.07 -2.02
CA SER B 120 8.29 -6.22 -1.42
C SER B 120 8.64 -7.72 -1.29
N CYS B 121 7.64 -8.60 -1.33
CA CYS B 121 7.77 -10.08 -1.18
C CYS B 121 7.79 -10.77 -2.55
N ALA B 122 7.54 -10.01 -3.64
CA ALA B 122 7.32 -10.53 -5.01
C ALA B 122 8.61 -11.11 -5.57
N GLY B 123 8.53 -12.29 -6.21
CA GLY B 123 9.64 -12.91 -6.95
C GLY B 123 9.83 -12.23 -8.30
N LYS B 124 11.06 -12.17 -8.80
CA LYS B 124 11.31 -11.68 -10.18
C LYS B 124 10.61 -12.67 -11.12
N ASN B 125 9.82 -12.16 -12.07
CA ASN B 125 9.08 -12.97 -13.07
C ASN B 125 10.06 -13.31 -14.19
N ALA B 126 9.86 -14.43 -14.89
CA ALA B 126 10.72 -14.88 -16.02
C ALA B 126 10.74 -13.84 -17.12
N VAL B 127 9.60 -13.17 -17.38
CA VAL B 127 9.52 -11.96 -18.24
C VAL B 127 9.06 -10.80 -17.36
N SER B 128 9.98 -9.91 -16.99
CA SER B 128 9.70 -8.82 -16.04
C SER B 128 9.22 -7.57 -16.82
N TYR B 129 8.04 -7.07 -16.45
CA TYR B 129 7.47 -5.80 -16.96
C TYR B 129 7.39 -4.80 -15.81
N GLY B 130 8.15 -5.04 -14.74
CA GLY B 130 8.25 -4.12 -13.59
C GLY B 130 8.35 -4.87 -12.28
N LYS B 131 8.82 -4.18 -11.24
CA LYS B 131 9.00 -4.71 -9.86
C LYS B 131 7.70 -4.49 -9.10
N GLY B 132 6.73 -5.37 -9.29
CA GLY B 132 5.42 -5.31 -8.60
C GLY B 132 4.85 -6.70 -8.42
N THR B 133 3.58 -6.78 -8.07
CA THR B 133 2.87 -8.07 -7.95
C THR B 133 2.23 -8.43 -9.29
N TYR B 134 2.45 -9.67 -9.74
CA TYR B 134 2.00 -10.18 -11.06
C TYR B 134 0.68 -10.95 -10.89
N PHE B 135 -0.24 -10.74 -11.84
CA PHE B 135 -1.58 -11.37 -11.92
C PHE B 135 -1.79 -11.84 -13.36
N ALA B 136 -2.27 -13.06 -13.53
CA ALA B 136 -2.37 -13.75 -14.84
C ALA B 136 -3.81 -13.76 -15.30
N VAL B 137 -4.04 -13.58 -16.60
CA VAL B 137 -5.38 -13.74 -17.22
C VAL B 137 -5.74 -15.22 -17.21
N ASP B 138 -4.76 -16.10 -17.49
CA ASP B 138 -4.97 -17.56 -17.69
C ASP B 138 -4.46 -18.31 -16.46
N ALA B 139 -5.33 -19.13 -15.85
CA ALA B 139 -4.99 -20.06 -14.77
C ALA B 139 -3.73 -20.87 -15.13
N SER B 140 -3.60 -21.32 -16.40
CA SER B 140 -2.44 -22.10 -16.92
C SER B 140 -1.13 -21.43 -16.55
N TYR B 141 -1.06 -20.10 -16.59
CA TYR B 141 0.18 -19.35 -16.27
C TYR B 141 0.52 -19.53 -14.79
N SER B 142 -0.45 -19.27 -13.91
CA SER B 142 -0.33 -19.34 -12.44
C SER B 142 -0.13 -20.81 -11.99
N ALA B 143 -0.52 -21.78 -12.82
CA ALA B 143 -0.43 -23.23 -12.50
C ALA B 143 1.00 -23.76 -12.66
N LYS B 144 1.90 -22.99 -13.26
CA LYS B 144 3.33 -23.40 -13.38
C LYS B 144 3.90 -23.59 -11.98
N ASP B 145 4.72 -24.63 -11.80
CA ASP B 145 5.35 -25.02 -10.51
C ASP B 145 6.17 -23.83 -9.98
N THR B 146 6.69 -22.99 -10.85
CA THR B 146 7.50 -21.80 -10.47
C THR B 146 6.65 -20.83 -9.63
N TYR B 147 5.33 -20.70 -9.88
CA TYR B 147 4.43 -19.80 -9.09
C TYR B 147 3.65 -20.61 -8.03
N SER B 148 2.86 -21.59 -8.45
CA SER B 148 2.06 -22.44 -7.53
C SER B 148 2.88 -23.69 -7.16
N LYS B 149 3.94 -23.51 -6.39
CA LYS B 149 4.89 -24.58 -6.01
C LYS B 149 4.14 -25.70 -5.28
N PRO B 150 4.23 -26.96 -5.74
CA PRO B 150 3.62 -28.08 -5.02
C PRO B 150 4.18 -28.17 -3.59
N ASP B 151 3.33 -28.27 -2.58
CA ASP B 151 3.76 -28.45 -1.17
C ASP B 151 4.19 -29.91 -0.97
N SER B 152 4.65 -30.26 0.24
CA SER B 152 5.13 -31.62 0.61
C SER B 152 4.06 -32.68 0.32
N ASN B 153 2.78 -32.30 0.23
CA ASN B 153 1.66 -33.26 -0.03
C ASN B 153 1.21 -33.18 -1.49
N GLY B 154 1.93 -32.44 -2.33
CA GLY B 154 1.63 -32.29 -3.78
C GLY B 154 0.48 -31.34 -4.05
N ARG B 155 0.06 -30.53 -3.08
CA ARG B 155 -1.04 -29.54 -3.29
C ARG B 155 -0.43 -28.24 -3.85
N LYS B 156 -1.05 -27.71 -4.90
CA LYS B 156 -0.72 -26.38 -5.47
C LYS B 156 -1.81 -25.39 -5.09
N HIS B 157 -1.47 -24.11 -4.98
CA HIS B 157 -2.35 -23.03 -4.47
C HIS B 157 -2.37 -21.86 -5.45
N MET B 158 -3.58 -21.45 -5.83
CA MET B 158 -3.81 -20.32 -6.75
C MET B 158 -4.93 -19.44 -6.19
N TYR B 159 -4.68 -18.15 -6.08
CA TYR B 159 -5.71 -17.16 -5.70
C TYR B 159 -6.44 -16.68 -6.96
N VAL B 160 -7.72 -16.40 -6.82
CA VAL B 160 -8.54 -15.65 -7.82
C VAL B 160 -8.76 -14.28 -7.20
N VAL B 161 -8.40 -13.22 -7.93
CA VAL B 161 -8.10 -11.89 -7.33
C VAL B 161 -8.84 -10.82 -8.12
N ARG B 162 -9.55 -9.93 -7.41
CA ARG B 162 -10.07 -8.67 -7.99
C ARG B 162 -8.88 -7.71 -8.04
N VAL B 163 -8.49 -7.27 -9.24
CA VAL B 163 -7.30 -6.40 -9.44
C VAL B 163 -7.75 -5.10 -10.08
N LEU B 164 -7.31 -3.96 -9.51
CA LEU B 164 -7.65 -2.65 -10.12
C LEU B 164 -6.63 -2.35 -11.21
N THR B 165 -6.84 -2.94 -12.39
CA THR B 165 -5.99 -2.76 -13.59
C THR B 165 -6.17 -1.33 -14.12
N GLY B 166 -7.35 -0.74 -13.96
CA GLY B 166 -7.62 0.62 -14.42
C GLY B 166 -7.14 0.85 -15.85
N VAL B 167 -6.39 1.93 -16.08
CA VAL B 167 -5.81 2.28 -17.40
C VAL B 167 -4.35 1.79 -17.40
N PHE B 168 -3.97 0.99 -18.37
CA PHE B 168 -2.67 0.29 -18.37
C PHE B 168 -1.91 0.57 -19.67
N THR B 169 -0.60 0.35 -19.59
CA THR B 169 0.36 0.45 -20.72
C THR B 169 1.32 -0.74 -20.60
N LYS B 170 2.07 -1.01 -21.66
CA LYS B 170 3.12 -2.06 -21.65
C LYS B 170 4.18 -1.61 -20.64
N GLY B 171 4.51 -2.48 -19.68
CA GLY B 171 5.54 -2.18 -18.67
C GLY B 171 6.95 -2.35 -19.23
N ARG B 172 7.92 -2.12 -18.36
CA ARG B 172 9.38 -2.28 -18.60
CA ARG B 172 9.36 -2.36 -18.62
C ARG B 172 10.00 -2.78 -17.30
N ALA B 173 11.07 -3.60 -17.38
CA ALA B 173 11.74 -4.24 -16.24
C ALA B 173 12.12 -3.23 -15.14
N GLY B 174 12.49 -1.99 -15.48
CA GLY B 174 12.99 -1.02 -14.49
C GLY B 174 11.93 -0.39 -13.56
N LEU B 175 10.64 -0.52 -13.85
CA LEU B 175 9.56 0.21 -13.13
C LEU B 175 9.47 -0.21 -11.66
N VAL B 176 9.40 0.75 -10.74
CA VAL B 176 9.07 0.54 -9.29
C VAL B 176 7.66 1.08 -9.02
N THR B 177 7.14 1.89 -9.94
CA THR B 177 5.74 2.41 -9.95
C THR B 177 5.28 2.35 -11.39
N PRO B 178 3.96 2.47 -11.69
CA PRO B 178 3.52 2.52 -13.07
C PRO B 178 4.06 3.83 -13.66
N PRO B 179 4.32 3.89 -14.98
CA PRO B 179 4.92 5.07 -15.58
C PRO B 179 3.87 6.17 -15.68
N PRO B 180 4.30 7.42 -15.92
CA PRO B 180 3.36 8.52 -16.15
C PRO B 180 2.67 8.34 -17.50
N LYS B 181 1.42 8.80 -17.63
CA LYS B 181 0.72 8.82 -18.94
C LYS B 181 1.40 9.85 -19.86
N ASN B 182 1.99 10.85 -19.23
CA ASN B 182 2.57 12.05 -19.90
C ASN B 182 3.89 12.38 -19.23
N PRO B 183 5.03 12.36 -19.95
CA PRO B 183 6.33 12.65 -19.33
C PRO B 183 6.45 14.06 -18.73
N HIS B 184 5.65 15.04 -19.17
CA HIS B 184 5.70 16.42 -18.63
C HIS B 184 4.79 16.56 -17.40
N ASN B 185 4.12 15.47 -16.98
CA ASN B 185 3.32 15.39 -15.74
C ASN B 185 3.66 14.07 -15.04
N PRO B 186 4.85 13.98 -14.41
CA PRO B 186 5.35 12.71 -13.91
C PRO B 186 4.48 12.05 -12.82
N THR B 187 3.62 12.79 -12.12
CA THR B 187 2.83 12.23 -10.98
C THR B 187 1.47 11.67 -11.43
N ASP B 188 1.09 11.84 -12.70
CA ASP B 188 -0.25 11.38 -13.17
C ASP B 188 -0.06 10.03 -13.86
N LEU B 189 -0.25 8.93 -13.11
CA LEU B 189 0.30 7.59 -13.46
C LEU B 189 -0.76 6.75 -14.16
N PHE B 190 -0.31 5.82 -15.01
CA PHE B 190 -1.08 4.59 -15.36
C PHE B 190 -1.43 3.87 -14.05
N ASP B 191 -2.52 3.11 -14.01
CA ASP B 191 -2.93 2.37 -12.79
C ASP B 191 -2.15 1.05 -12.69
N SER B 192 -1.84 0.44 -13.82
CA SER B 192 -1.09 -0.84 -13.89
C SER B 192 -0.28 -0.91 -15.19
N VAL B 193 0.54 -1.94 -15.32
CA VAL B 193 1.20 -2.26 -16.62
C VAL B 193 0.89 -3.71 -17.00
N THR B 194 1.06 -4.02 -18.28
CA THR B 194 0.80 -5.35 -18.88
C THR B 194 1.98 -5.75 -19.77
N ASN B 195 1.95 -6.99 -20.25
CA ASN B 195 2.98 -7.54 -21.18
C ASN B 195 2.70 -7.04 -22.61
N ASN B 196 1.44 -6.74 -22.91
CA ASN B 196 0.97 -6.46 -24.29
C ASN B 196 -0.42 -5.81 -24.22
N THR B 197 -0.58 -4.56 -24.64
CA THR B 197 -1.85 -3.79 -24.45
C THR B 197 -2.95 -4.30 -25.39
N ARG B 198 -2.57 -4.85 -26.55
CA ARG B 198 -3.51 -5.47 -27.54
C ARG B 198 -4.04 -6.81 -27.00
N SER B 199 -3.15 -7.69 -26.51
CA SER B 199 -3.48 -9.04 -25.98
C SER B 199 -2.93 -9.20 -24.56
N PRO B 200 -3.53 -8.57 -23.54
CA PRO B 200 -2.97 -8.59 -22.19
C PRO B 200 -3.09 -10.00 -21.61
N LYS B 201 -1.98 -10.61 -21.21
CA LYS B 201 -1.94 -11.92 -20.52
C LYS B 201 -1.47 -11.76 -19.08
N LEU B 202 -0.81 -10.65 -18.73
CA LEU B 202 -0.49 -10.41 -17.32
C LEU B 202 -0.53 -8.93 -16.96
N PHE B 203 -0.77 -8.66 -15.69
CA PHE B 203 -0.86 -7.30 -15.15
C PHE B 203 0.03 -7.22 -13.92
N VAL B 204 0.71 -6.09 -13.77
CA VAL B 204 1.59 -5.80 -12.61
C VAL B 204 1.01 -4.59 -11.89
N VAL B 205 0.87 -4.67 -10.57
CA VAL B 205 0.42 -3.52 -9.73
C VAL B 205 1.52 -3.23 -8.71
N PHE B 206 1.65 -1.96 -8.34
CA PHE B 206 2.81 -1.44 -7.58
C PHE B 206 2.37 -0.87 -6.23
N PHE B 207 1.08 -0.95 -5.89
CA PHE B 207 0.54 -0.34 -4.64
C PHE B 207 -0.26 -1.37 -3.83
N ASP B 208 -0.23 -1.21 -2.51
CA ASP B 208 -1.02 -2.02 -1.55
C ASP B 208 -2.52 -1.75 -1.77
N ASN B 209 -3.35 -2.77 -1.60
CA ASN B 209 -4.81 -2.62 -1.56
C ASN B 209 -5.33 -2.34 -2.98
N GLN B 210 -4.56 -2.73 -4.00
CA GLN B 210 -4.96 -2.64 -5.43
C GLN B 210 -5.43 -4.03 -5.92
N ALA B 211 -5.38 -5.05 -5.06
CA ALA B 211 -5.80 -6.44 -5.36
C ALA B 211 -6.48 -7.04 -4.12
N TYR B 212 -7.64 -7.67 -4.28
CA TYR B 212 -8.32 -8.36 -3.17
C TYR B 212 -8.29 -9.85 -3.48
N PRO B 213 -7.65 -10.69 -2.64
CA PRO B 213 -7.66 -12.13 -2.86
C PRO B 213 -9.06 -12.62 -2.46
N GLU B 214 -9.88 -12.97 -3.45
CA GLU B 214 -11.30 -13.34 -3.25
C GLU B 214 -11.43 -14.86 -3.02
N TYR B 215 -10.70 -15.69 -3.76
CA TYR B 215 -10.78 -17.17 -3.64
C TYR B 215 -9.38 -17.78 -3.64
N LEU B 216 -9.23 -18.85 -2.87
CA LEU B 216 -8.06 -19.76 -2.86
C LEU B 216 -8.50 -21.09 -3.47
N ILE B 217 -7.89 -21.46 -4.60
CA ILE B 217 -8.06 -22.78 -5.24
C ILE B 217 -6.90 -23.65 -4.75
N THR B 218 -7.21 -24.76 -4.08
CA THR B 218 -6.26 -25.86 -3.81
C THR B 218 -6.46 -26.94 -4.87
N PHE B 219 -5.39 -27.36 -5.54
CA PHE B 219 -5.46 -28.31 -6.67
C PHE B 219 -4.19 -29.17 -6.70
N THR B 220 -4.29 -30.26 -7.47
CA THR B 220 -3.27 -31.32 -7.61
C THR B 220 -3.24 -31.73 -9.08
N ALA B 221 -2.18 -32.42 -9.50
CA ALA B 221 -2.11 -33.18 -10.77
C ALA B 221 -2.99 -34.43 -10.65
C4 8B5 C . 15.71 8.32 7.19
C14 8B5 C . 14.72 10.43 8.69
C5 8B5 C . 15.88 8.35 8.55
C6 8B5 C . 17.60 6.67 8.54
C11 8B5 C . 19.91 6.16 11.48
C7 8B5 C . 18.55 6.03 9.52
C8 8B5 C . 18.92 4.71 9.37
C9 8B5 C . 19.78 4.12 10.29
C10 8B5 C . 20.29 4.84 11.34
C12 8B5 C . 19.04 6.76 10.59
C13 8B5 C . 15.37 9.42 9.31
N1 8B5 C . 13.72 11.50 5.34
N2 8B5 C . 14.20 10.44 4.53
C3 8B5 C . 15.03 9.38 6.54
O1 8B5 C . 13.45 12.46 7.37
C1 8B5 C . 13.90 11.51 6.70
C2 8B5 C . 14.83 9.37 5.10
O2 8B5 C . 15.23 8.45 4.36
O3 8B5 C . 16.54 7.36 9.23
BR1 8B5 C . 20.56 7.17 12.96
C15 8B5 C . 14.55 10.43 7.30
#